data_3I0O
#
_entry.id   3I0O
#
_cell.length_a   75.008
_cell.length_b   75.008
_cell.length_c   139.941
_cell.angle_alpha   90.00
_cell.angle_beta   90.00
_cell.angle_gamma   120.00
#
_symmetry.space_group_name_H-M   'P 31 2 1'
#
loop_
_entity.id
_entity.type
_entity.pdbx_description
1 polymer 'Spectinomycin phosphotransferase'
2 non-polymer "ADENOSINE-5'-DIPHOSPHATE"
3 non-polymer SPECTINOMYCIN
4 non-polymer 'NICKEL (II) ION'
5 non-polymer 'MAGNESIUM ION'
6 water water
#
_entity_poly.entity_id   1
_entity_poly.type   'polypeptide(L)'
_entity_poly.pdbx_seq_one_letter_code
;MLKQPIQAQQLIELLKVHYGIDIHTAQFIQGGADTNAFAYQADSESKSYFIKLKYGYHDEINLSIIRLLHDSGIKEIIFP
IHTLEAKLFQQLKHFKIIAYPFIHAPNGFTQNLTGKQWKQLGKVLRQIHETSVPISIQQQLRKEIYSPKWREIVRSFYNQ
IEFDNSDDKLTAAFKSFFNQNSAAIHRLVDTSEKLSKKIQPDLDKYVLCHSDIHAGNVLVGNEESIYIIDWDEPMLAPKE
RDLMFIGGGVGNVWNKPHEIQYFYEGYGEINVDKTILSYYRHERIVEDIAVYGQDLLSRNQNNQSRLESFKYFKEMFDPN
NVVEIAFATEQLEHHHHHH
;
_entity_poly.pdbx_strand_id   A
#
# COMPACT_ATOMS: atom_id res chain seq x y z
N GLN A 4 -9.28 -15.21 -11.03
CA GLN A 4 -9.98 -16.11 -11.98
C GLN A 4 -10.88 -17.14 -11.29
N PRO A 5 -11.34 -16.84 -10.07
CA PRO A 5 -12.19 -17.82 -9.39
C PRO A 5 -13.40 -18.20 -10.23
N ILE A 6 -14.31 -17.24 -10.41
CA ILE A 6 -15.50 -17.49 -11.20
C ILE A 6 -15.30 -16.91 -12.60
N GLN A 7 -16.28 -17.15 -13.46
CA GLN A 7 -16.24 -16.65 -14.82
C GLN A 7 -17.24 -15.51 -14.98
N ALA A 8 -17.14 -14.81 -16.11
CA ALA A 8 -18.03 -13.68 -16.40
C ALA A 8 -19.48 -13.91 -16.00
N GLN A 9 -20.17 -14.77 -16.74
CA GLN A 9 -21.57 -15.06 -16.47
C GLN A 9 -21.83 -15.50 -15.03
N GLN A 10 -20.77 -15.86 -14.29
CA GLN A 10 -20.92 -16.28 -12.89
C GLN A 10 -20.94 -15.08 -11.95
N LEU A 11 -20.13 -14.07 -12.27
CA LEU A 11 -20.08 -12.86 -11.47
C LEU A 11 -21.38 -12.11 -11.76
N ILE A 12 -21.77 -12.09 -13.03
CA ILE A 12 -23.00 -11.42 -13.45
C ILE A 12 -24.21 -11.85 -12.64
N GLU A 13 -24.33 -13.15 -12.40
CA GLU A 13 -25.44 -13.67 -11.63
C GLU A 13 -25.31 -13.31 -10.16
N LEU A 14 -24.07 -13.38 -9.64
CA LEU A 14 -23.83 -13.04 -8.25
C LEU A 14 -24.16 -11.58 -7.95
N LEU A 15 -23.86 -10.70 -8.91
CA LEU A 15 -24.12 -9.28 -8.72
C LEU A 15 -25.61 -9.01 -8.87
N LYS A 16 -26.27 -9.82 -9.68
CA LYS A 16 -27.70 -9.69 -9.91
C LYS A 16 -28.47 -10.13 -8.68
N VAL A 17 -28.10 -11.28 -8.13
CA VAL A 17 -28.76 -11.82 -6.96
C VAL A 17 -28.50 -11.02 -5.70
N HIS A 18 -27.23 -10.70 -5.44
CA HIS A 18 -26.86 -9.97 -4.24
C HIS A 18 -26.88 -8.46 -4.29
N TYR A 19 -26.80 -7.87 -5.48
CA TYR A 19 -26.81 -6.42 -5.60
C TYR A 19 -27.96 -5.88 -6.43
N GLY A 20 -28.68 -6.75 -7.11
CA GLY A 20 -29.79 -6.29 -7.92
C GLY A 20 -29.33 -5.40 -9.05
N ILE A 21 -28.13 -5.69 -9.55
CA ILE A 21 -27.54 -4.92 -10.66
C ILE A 21 -27.54 -5.77 -11.93
N ASP A 22 -27.94 -5.17 -13.04
CA ASP A 22 -28.00 -5.87 -14.32
C ASP A 22 -26.79 -5.59 -15.19
N ILE A 23 -25.79 -6.46 -15.08
CA ILE A 23 -24.56 -6.37 -15.84
C ILE A 23 -24.59 -7.21 -17.10
N HIS A 24 -24.12 -6.63 -18.20
CA HIS A 24 -24.11 -7.31 -19.49
C HIS A 24 -22.70 -7.73 -19.90
N THR A 25 -21.69 -7.19 -19.23
CA THR A 25 -20.30 -7.51 -19.56
C THR A 25 -19.41 -7.43 -18.32
N ALA A 26 -18.52 -8.40 -18.16
CA ALA A 26 -17.62 -8.41 -17.02
C ALA A 26 -16.31 -9.05 -17.43
N GLN A 27 -15.20 -8.34 -17.22
CA GLN A 27 -13.87 -8.82 -17.56
C GLN A 27 -12.96 -8.95 -16.34
N PHE A 28 -12.14 -9.98 -16.31
CA PHE A 28 -11.21 -10.15 -15.20
C PHE A 28 -10.07 -9.17 -15.46
N ILE A 29 -9.51 -8.60 -14.41
CA ILE A 29 -8.41 -7.65 -14.54
C ILE A 29 -7.10 -8.27 -14.07
N GLN A 30 -6.00 -7.92 -14.74
CA GLN A 30 -4.70 -8.45 -14.39
C GLN A 30 -4.09 -7.83 -13.14
N GLY A 31 -2.77 -7.79 -13.07
CA GLY A 31 -2.10 -7.22 -11.91
C GLY A 31 -2.41 -8.02 -10.65
N GLY A 32 -3.38 -7.53 -9.87
CA GLY A 32 -3.77 -8.22 -8.65
C GLY A 32 -2.69 -8.30 -7.58
N ALA A 33 -3.09 -8.09 -6.32
CA ALA A 33 -2.15 -8.14 -5.20
C ALA A 33 -1.50 -9.52 -5.13
N ASP A 34 -2.30 -10.56 -5.36
CA ASP A 34 -1.80 -11.93 -5.33
C ASP A 34 -2.59 -12.78 -4.37
N THR A 35 -2.46 -14.10 -4.49
CA THR A 35 -3.17 -15.03 -3.62
C THR A 35 -4.64 -14.71 -3.46
N ASN A 36 -4.97 -13.94 -2.43
CA ASN A 36 -6.35 -13.56 -2.19
C ASN A 36 -6.60 -12.14 -2.67
N ALA A 37 -7.13 -12.00 -3.89
CA ALA A 37 -7.40 -10.69 -4.45
C ALA A 37 -7.65 -10.67 -5.95
N PHE A 38 -8.91 -10.80 -6.34
CA PHE A 38 -9.29 -10.78 -7.74
C PHE A 38 -10.11 -9.53 -8.04
N ALA A 39 -9.91 -8.94 -9.22
CA ALA A 39 -10.63 -7.72 -9.58
C ALA A 39 -11.23 -7.77 -10.98
N TYR A 40 -12.46 -7.31 -11.11
CA TYR A 40 -13.14 -7.31 -12.40
C TYR A 40 -13.78 -5.97 -12.71
N GLN A 41 -14.08 -5.75 -13.98
CA GLN A 41 -14.78 -4.55 -14.36
C GLN A 41 -16.12 -5.09 -14.85
N ALA A 42 -17.20 -4.68 -14.20
CA ALA A 42 -18.53 -5.13 -14.58
C ALA A 42 -19.37 -3.93 -15.03
N ASP A 43 -19.96 -4.02 -16.22
CA ASP A 43 -20.76 -2.93 -16.74
C ASP A 43 -22.25 -3.24 -16.83
N SER A 44 -23.08 -2.22 -16.60
CA SER A 44 -24.53 -2.34 -16.74
C SER A 44 -24.80 -1.44 -17.95
N GLU A 45 -26.06 -1.16 -18.26
CA GLU A 45 -26.34 -0.30 -19.41
C GLU A 45 -25.80 1.11 -19.23
N SER A 46 -25.83 1.60 -17.99
CA SER A 46 -25.42 2.96 -17.69
C SER A 46 -24.12 3.16 -16.91
N LYS A 47 -23.70 2.18 -16.11
CA LYS A 47 -22.49 2.36 -15.30
C LYS A 47 -21.45 1.26 -15.33
N SER A 48 -20.27 1.60 -14.82
CA SER A 48 -19.18 0.64 -14.74
C SER A 48 -18.87 0.45 -13.26
N TYR A 49 -18.56 -0.78 -12.88
CA TYR A 49 -18.26 -1.12 -11.50
C TYR A 49 -16.92 -1.83 -11.40
N PHE A 50 -16.22 -1.62 -10.30
CA PHE A 50 -14.95 -2.29 -10.05
C PHE A 50 -15.26 -3.27 -8.93
N ILE A 51 -15.17 -4.56 -9.26
CA ILE A 51 -15.49 -5.64 -8.33
C ILE A 51 -14.30 -6.38 -7.77
N LYS A 52 -14.24 -6.44 -6.44
CA LYS A 52 -13.16 -7.13 -5.76
C LYS A 52 -13.69 -8.39 -5.07
N LEU A 53 -13.03 -9.51 -5.32
CA LEU A 53 -13.41 -10.77 -4.69
C LEU A 53 -12.29 -11.06 -3.70
N LYS A 54 -12.47 -10.64 -2.45
CA LYS A 54 -11.45 -10.83 -1.42
C LYS A 54 -11.55 -12.14 -0.65
N TYR A 55 -10.42 -12.52 -0.03
CA TYR A 55 -10.31 -13.74 0.79
C TYR A 55 -9.56 -13.45 2.09
N GLY A 56 -9.48 -12.17 2.48
CA GLY A 56 -8.78 -11.80 3.70
C GLY A 56 -9.60 -11.93 4.96
N TYR A 57 -9.06 -11.44 6.07
CA TYR A 57 -9.75 -11.51 7.36
C TYR A 57 -10.12 -10.12 7.91
N HIS A 58 -9.25 -9.14 7.65
CA HIS A 58 -9.46 -7.78 8.13
C HIS A 58 -10.35 -6.93 7.24
N ASP A 59 -10.91 -7.51 6.18
CA ASP A 59 -11.76 -6.75 5.29
C ASP A 59 -12.90 -6.02 5.99
N GLU A 60 -13.46 -6.63 7.02
CA GLU A 60 -14.55 -5.99 7.75
C GLU A 60 -14.08 -4.83 8.61
N ILE A 61 -12.89 -4.95 9.20
CA ILE A 61 -12.37 -3.86 10.00
C ILE A 61 -11.85 -2.72 9.12
N ASN A 62 -11.40 -3.04 7.91
CA ASN A 62 -10.93 -2.02 6.99
C ASN A 62 -12.11 -1.27 6.37
N LEU A 63 -13.20 -1.98 6.07
CA LEU A 63 -14.39 -1.33 5.53
C LEU A 63 -14.89 -0.44 6.64
N SER A 64 -14.58 -0.86 7.85
CA SER A 64 -14.94 -0.13 9.05
C SER A 64 -14.28 1.24 9.02
N ILE A 65 -13.03 1.28 8.56
CA ILE A 65 -12.29 2.53 8.49
C ILE A 65 -12.78 3.51 7.41
N ILE A 66 -13.15 3.02 6.23
CA ILE A 66 -13.63 3.96 5.22
C ILE A 66 -15.04 4.40 5.62
N ARG A 67 -15.72 3.57 6.40
CA ARG A 67 -17.05 3.89 6.87
C ARG A 67 -16.89 5.09 7.82
N LEU A 68 -15.83 5.04 8.63
CA LEU A 68 -15.53 6.11 9.57
C LEU A 68 -15.08 7.38 8.83
N LEU A 69 -14.34 7.18 7.74
CA LEU A 69 -13.85 8.30 6.94
C LEU A 69 -15.00 8.95 6.16
N HIS A 70 -15.90 8.14 5.63
CA HIS A 70 -17.02 8.68 4.90
C HIS A 70 -17.90 9.49 5.87
N ASP A 71 -18.10 8.98 7.08
CA ASP A 71 -18.91 9.68 8.09
C ASP A 71 -18.27 11.03 8.38
N SER A 72 -16.93 11.02 8.41
CA SER A 72 -16.15 12.20 8.73
C SER A 72 -16.10 13.26 7.62
N GLY A 73 -16.79 12.99 6.51
CA GLY A 73 -16.81 13.95 5.42
C GLY A 73 -15.68 13.92 4.39
N ILE A 74 -14.85 12.89 4.40
CA ILE A 74 -13.75 12.78 3.43
C ILE A 74 -14.28 12.20 2.12
N LYS A 75 -14.23 13.00 1.05
CA LYS A 75 -14.75 12.54 -0.23
C LYS A 75 -13.72 11.78 -1.08
N GLU A 76 -12.43 12.00 -0.82
CA GLU A 76 -11.37 11.37 -1.58
C GLU A 76 -11.19 9.86 -1.37
N ILE A 77 -12.27 9.15 -1.04
CA ILE A 77 -12.21 7.69 -0.88
C ILE A 77 -13.35 7.11 -1.72
N ILE A 78 -13.15 5.90 -2.26
CA ILE A 78 -14.18 5.29 -3.07
C ILE A 78 -15.10 4.47 -2.19
N PHE A 79 -16.30 4.98 -1.94
CA PHE A 79 -17.25 4.27 -1.09
C PHE A 79 -17.88 3.08 -1.83
N PRO A 80 -17.88 1.91 -1.19
CA PRO A 80 -18.44 0.69 -1.79
C PRO A 80 -19.92 0.82 -2.11
N ILE A 81 -20.40 -0.06 -2.98
CA ILE A 81 -21.79 -0.10 -3.37
C ILE A 81 -22.52 -1.07 -2.43
N HIS A 82 -23.71 -0.68 -1.98
CA HIS A 82 -24.53 -1.49 -1.08
C HIS A 82 -25.17 -2.71 -1.71
N THR A 83 -25.22 -3.80 -0.94
CA THR A 83 -25.90 -5.02 -1.40
C THR A 83 -27.38 -4.78 -1.11
N LEU A 84 -28.23 -5.66 -1.59
CA LEU A 84 -29.67 -5.52 -1.38
C LEU A 84 -29.99 -5.58 0.11
N GLU A 85 -29.04 -6.06 0.91
CA GLU A 85 -29.23 -6.16 2.34
C GLU A 85 -28.58 -4.99 3.06
N ALA A 86 -28.34 -3.91 2.30
CA ALA A 86 -27.74 -2.70 2.84
C ALA A 86 -26.35 -2.88 3.44
N LYS A 87 -25.63 -3.92 3.01
CA LYS A 87 -24.26 -4.17 3.48
C LYS A 87 -23.24 -3.68 2.45
N LEU A 88 -22.04 -3.36 2.92
CA LEU A 88 -20.96 -2.88 2.03
C LEU A 88 -20.18 -4.02 1.38
N PHE A 89 -20.62 -5.26 1.63
CA PHE A 89 -19.98 -6.43 1.07
C PHE A 89 -20.90 -7.64 1.15
N GLN A 90 -20.80 -8.56 0.19
CA GLN A 90 -21.64 -9.76 0.21
C GLN A 90 -20.80 -10.98 0.56
N GLN A 91 -21.09 -11.58 1.70
CA GLN A 91 -20.36 -12.78 2.16
C GLN A 91 -20.83 -14.01 1.37
N LEU A 92 -19.92 -14.61 0.62
CA LEU A 92 -20.23 -15.78 -0.20
C LEU A 92 -19.67 -17.07 0.38
N LYS A 93 -20.01 -18.19 -0.26
CA LYS A 93 -19.56 -19.50 0.17
C LYS A 93 -18.11 -19.58 0.63
N HIS A 94 -17.19 -19.19 -0.24
CA HIS A 94 -15.78 -19.24 0.11
C HIS A 94 -15.08 -17.88 0.08
N PHE A 95 -15.68 -16.90 -0.57
CA PHE A 95 -15.09 -15.56 -0.65
C PHE A 95 -16.07 -14.44 -0.31
N LYS A 96 -15.58 -13.21 -0.45
CA LYS A 96 -16.35 -12.01 -0.13
C LYS A 96 -16.40 -11.09 -1.36
N ILE A 97 -17.55 -10.49 -1.63
CA ILE A 97 -17.67 -9.57 -2.77
C ILE A 97 -17.71 -8.11 -2.31
N ILE A 98 -16.99 -7.25 -3.00
CA ILE A 98 -16.98 -5.84 -2.68
C ILE A 98 -16.99 -5.06 -3.99
N ALA A 99 -18.08 -4.38 -4.26
CA ALA A 99 -18.21 -3.62 -5.48
C ALA A 99 -18.01 -2.13 -5.21
N TYR A 100 -17.49 -1.42 -6.19
CA TYR A 100 -17.27 0.00 -6.09
C TYR A 100 -17.59 0.59 -7.44
N PRO A 101 -17.84 1.88 -7.53
CA PRO A 101 -18.10 2.39 -8.87
C PRO A 101 -16.71 2.34 -9.54
N PHE A 102 -16.66 2.31 -10.86
CA PHE A 102 -15.38 2.26 -11.54
C PHE A 102 -14.85 3.67 -11.76
N ILE A 103 -13.60 3.89 -11.37
CA ILE A 103 -12.93 5.18 -11.53
C ILE A 103 -11.83 5.01 -12.61
N HIS A 104 -11.93 5.76 -13.69
CA HIS A 104 -10.95 5.64 -14.78
C HIS A 104 -9.59 6.33 -14.60
N ALA A 105 -9.48 7.20 -13.61
CA ALA A 105 -8.24 7.91 -13.37
C ALA A 105 -7.04 6.97 -13.22
N PRO A 106 -5.86 7.41 -13.69
CA PRO A 106 -4.65 6.58 -13.59
C PRO A 106 -4.06 6.80 -12.19
N ASN A 107 -3.17 5.94 -11.75
CA ASN A 107 -2.58 6.13 -10.44
C ASN A 107 -1.43 7.13 -10.49
N GLY A 108 -0.83 7.41 -9.35
CA GLY A 108 0.25 8.39 -9.29
C GLY A 108 1.57 7.99 -9.95
N PHE A 109 1.76 6.71 -10.26
CA PHE A 109 3.00 6.26 -10.91
C PHE A 109 3.01 6.74 -12.37
N THR A 110 1.82 7.07 -12.88
CA THR A 110 1.62 7.49 -14.25
C THR A 110 1.16 8.94 -14.43
N GLN A 111 0.46 9.46 -13.43
CA GLN A 111 -0.06 10.82 -13.48
C GLN A 111 0.48 11.66 -12.34
N ASN A 112 1.14 12.78 -12.67
CA ASN A 112 1.66 13.66 -11.63
C ASN A 112 0.52 14.48 -11.06
N LEU A 113 0.67 14.86 -9.79
CA LEU A 113 -0.33 15.69 -9.16
C LEU A 113 0.06 17.12 -9.44
N THR A 114 -0.92 17.99 -9.60
CA THR A 114 -0.64 19.39 -9.85
C THR A 114 -0.34 19.99 -8.48
N GLY A 115 0.21 21.20 -8.44
CA GLY A 115 0.48 21.83 -7.16
C GLY A 115 -0.79 21.87 -6.32
N LYS A 116 -1.90 22.18 -6.99
CA LYS A 116 -3.20 22.25 -6.33
C LYS A 116 -3.61 20.89 -5.75
N GLN A 117 -3.47 19.82 -6.54
CA GLN A 117 -3.82 18.49 -6.07
C GLN A 117 -2.92 18.11 -4.90
N TRP A 118 -1.65 18.50 -4.95
CA TRP A 118 -0.74 18.19 -3.87
C TRP A 118 -1.23 18.83 -2.57
N LYS A 119 -1.78 20.03 -2.68
CA LYS A 119 -2.30 20.74 -1.52
C LYS A 119 -3.52 19.99 -0.99
N GLN A 120 -4.32 19.49 -1.92
CA GLN A 120 -5.53 18.75 -1.57
C GLN A 120 -5.19 17.44 -0.87
N LEU A 121 -4.10 16.79 -1.29
CA LEU A 121 -3.70 15.53 -0.67
C LEU A 121 -3.22 15.78 0.75
N GLY A 122 -2.50 16.88 0.95
CA GLY A 122 -2.03 17.20 2.28
C GLY A 122 -3.20 17.51 3.19
N LYS A 123 -4.18 18.22 2.64
CA LYS A 123 -5.35 18.58 3.41
C LYS A 123 -6.13 17.33 3.81
N VAL A 124 -6.27 16.38 2.89
CA VAL A 124 -6.99 15.15 3.16
C VAL A 124 -6.26 14.20 4.10
N LEU A 125 -4.92 14.14 4.01
CA LEU A 125 -4.17 13.26 4.90
C LEU A 125 -4.30 13.80 6.32
N ARG A 126 -4.27 15.13 6.47
CA ARG A 126 -4.41 15.75 7.77
C ARG A 126 -5.78 15.39 8.33
N GLN A 127 -6.80 15.45 7.47
CA GLN A 127 -8.17 15.09 7.89
C GLN A 127 -8.22 13.67 8.45
N ILE A 128 -7.59 12.74 7.73
CA ILE A 128 -7.54 11.35 8.15
C ILE A 128 -6.84 11.22 9.50
N HIS A 129 -5.69 11.87 9.63
CA HIS A 129 -4.95 11.82 10.89
C HIS A 129 -5.73 12.47 12.05
N GLU A 130 -6.47 13.54 11.77
CA GLU A 130 -7.22 14.23 12.81
C GLU A 130 -8.49 13.46 13.16
N THR A 131 -8.84 12.47 12.34
CA THR A 131 -10.04 11.69 12.58
C THR A 131 -10.01 10.86 13.86
N SER A 132 -11.04 11.05 14.69
CA SER A 132 -11.17 10.35 15.96
C SER A 132 -11.70 8.94 15.75
N VAL A 133 -11.03 7.95 16.36
CA VAL A 133 -11.42 6.56 16.19
C VAL A 133 -12.07 5.92 17.41
N PRO A 134 -13.32 5.45 17.26
CA PRO A 134 -14.01 4.82 18.39
C PRO A 134 -13.15 3.71 19.00
N ILE A 135 -13.14 3.63 20.33
CA ILE A 135 -12.36 2.63 21.04
C ILE A 135 -12.64 1.23 20.56
N SER A 136 -13.85 0.96 20.08
CA SER A 136 -14.18 -0.39 19.61
C SER A 136 -13.41 -0.74 18.34
N ILE A 137 -13.04 0.28 17.58
CA ILE A 137 -12.29 0.08 16.34
C ILE A 137 -10.81 0.09 16.65
N GLN A 138 -10.40 0.97 17.58
CA GLN A 138 -8.99 1.05 17.97
C GLN A 138 -8.49 -0.27 18.49
N GLN A 139 -9.38 -1.03 19.15
CA GLN A 139 -9.03 -2.33 19.71
C GLN A 139 -8.90 -3.40 18.63
N GLN A 140 -9.38 -3.08 17.42
CA GLN A 140 -9.29 -4.02 16.31
C GLN A 140 -8.18 -3.64 15.34
N LEU A 141 -7.72 -2.40 15.43
CA LEU A 141 -6.67 -1.93 14.53
C LEU A 141 -5.30 -2.34 15.04
N ARG A 142 -4.44 -2.78 14.12
CA ARG A 142 -3.10 -3.16 14.50
C ARG A 142 -2.41 -1.87 14.94
N LYS A 143 -1.47 -1.96 15.87
CA LYS A 143 -0.75 -0.78 16.32
C LYS A 143 0.72 -0.89 15.99
N GLU A 144 1.39 0.25 15.99
CA GLU A 144 2.81 0.30 15.69
C GLU A 144 3.59 -0.21 16.89
N ILE A 145 4.27 -1.35 16.74
CA ILE A 145 5.06 -1.89 17.83
C ILE A 145 6.51 -2.08 17.42
N TYR A 146 6.90 -1.45 16.32
CA TYR A 146 8.27 -1.52 15.82
C TYR A 146 8.83 -2.93 15.83
N SER A 147 8.02 -3.89 15.41
CA SER A 147 8.42 -5.30 15.36
C SER A 147 9.70 -5.57 14.57
N PRO A 148 10.58 -6.40 15.11
CA PRO A 148 11.84 -6.72 14.42
C PRO A 148 11.63 -7.85 13.42
N LYS A 149 10.38 -8.23 13.24
CA LYS A 149 10.01 -9.32 12.32
C LYS A 149 10.69 -9.29 10.95
N TRP A 150 10.64 -8.14 10.26
CA TRP A 150 11.24 -8.07 8.94
C TRP A 150 12.77 -7.96 8.96
N ARG A 151 13.33 -7.29 9.97
CA ARG A 151 14.78 -7.17 10.08
C ARG A 151 15.44 -8.55 10.26
N GLU A 152 14.76 -9.44 10.99
CA GLU A 152 15.27 -10.79 11.23
C GLU A 152 15.26 -11.62 9.95
N ILE A 153 14.17 -11.52 9.21
CA ILE A 153 14.04 -12.25 7.95
C ILE A 153 15.15 -11.85 6.97
N VAL A 154 15.40 -10.56 6.83
CA VAL A 154 16.44 -10.10 5.90
C VAL A 154 17.80 -10.62 6.37
N ARG A 155 18.00 -10.64 7.68
CA ARG A 155 19.25 -11.14 8.24
C ARG A 155 19.38 -12.63 7.95
N SER A 156 18.27 -13.35 7.99
CA SER A 156 18.31 -14.77 7.70
C SER A 156 18.73 -14.99 6.25
N PHE A 157 18.80 -13.90 5.49
CA PHE A 157 19.20 -13.99 4.09
C PHE A 157 20.73 -13.91 3.99
N TYR A 158 21.33 -13.08 4.84
CA TYR A 158 22.77 -12.86 4.83
C TYR A 158 23.59 -14.09 4.47
N ASN A 159 23.34 -15.19 5.19
CA ASN A 159 24.07 -16.43 4.98
C ASN A 159 23.45 -17.39 3.95
N GLN A 160 22.74 -16.86 2.97
CA GLN A 160 22.12 -17.71 1.96
C GLN A 160 22.54 -17.33 0.55
N ILE A 161 23.15 -16.16 0.39
CA ILE A 161 23.55 -15.71 -0.92
C ILE A 161 24.90 -16.30 -1.35
N GLU A 162 24.92 -17.62 -1.60
CA GLU A 162 26.16 -18.29 -2.01
C GLU A 162 25.94 -19.11 -3.28
N PHE A 163 26.91 -19.05 -4.19
CA PHE A 163 26.82 -19.79 -5.43
C PHE A 163 26.19 -21.16 -5.25
N ASP A 164 25.32 -21.56 -6.17
CA ASP A 164 24.65 -22.84 -6.08
C ASP A 164 24.41 -23.40 -7.49
N ASN A 165 24.28 -24.72 -7.58
CA ASN A 165 24.04 -25.39 -8.85
C ASN A 165 22.56 -25.64 -9.11
N SER A 166 21.80 -25.77 -8.03
CA SER A 166 20.36 -26.02 -8.11
C SER A 166 19.56 -24.76 -8.46
N ASP A 167 20.16 -23.58 -8.26
CA ASP A 167 19.50 -22.32 -8.59
C ASP A 167 19.42 -22.15 -10.10
N ASP A 168 18.31 -21.60 -10.58
CA ASP A 168 18.16 -21.35 -12.01
C ASP A 168 18.74 -19.96 -12.28
N LYS A 169 18.61 -19.45 -13.49
CA LYS A 169 19.16 -18.13 -13.83
C LYS A 169 18.68 -17.01 -12.91
N LEU A 170 17.36 -16.97 -12.67
CA LEU A 170 16.76 -15.94 -11.84
C LEU A 170 17.34 -15.89 -10.44
N THR A 171 17.32 -17.02 -9.75
CA THR A 171 17.84 -17.11 -8.39
C THR A 171 19.28 -16.60 -8.35
N ALA A 172 20.08 -17.01 -9.32
CA ALA A 172 21.47 -16.62 -9.42
C ALA A 172 21.63 -15.12 -9.62
N ALA A 173 20.86 -14.55 -10.54
CA ALA A 173 20.92 -13.12 -10.82
C ALA A 173 20.56 -12.33 -9.57
N PHE A 174 19.63 -12.85 -8.78
CA PHE A 174 19.21 -12.21 -7.55
C PHE A 174 20.30 -12.26 -6.49
N LYS A 175 20.91 -13.43 -6.30
CA LYS A 175 21.97 -13.55 -5.32
C LYS A 175 23.12 -12.63 -5.70
N SER A 176 23.42 -12.58 -7.00
CA SER A 176 24.50 -11.73 -7.51
C SER A 176 24.18 -10.27 -7.18
N PHE A 177 22.99 -9.82 -7.55
CA PHE A 177 22.59 -8.45 -7.28
C PHE A 177 22.64 -8.17 -5.78
N PHE A 178 22.20 -9.14 -4.97
CA PHE A 178 22.21 -8.98 -3.52
C PHE A 178 23.63 -8.75 -3.04
N ASN A 179 24.56 -9.58 -3.53
CA ASN A 179 25.96 -9.46 -3.16
C ASN A 179 26.52 -8.09 -3.50
N GLN A 180 26.16 -7.58 -4.68
CA GLN A 180 26.65 -6.27 -5.13
C GLN A 180 26.20 -5.11 -4.26
N ASN A 181 25.06 -5.27 -3.60
CA ASN A 181 24.49 -4.22 -2.77
C ASN A 181 24.44 -4.63 -1.32
N SER A 182 25.16 -5.69 -0.97
CA SER A 182 25.20 -6.20 0.39
C SER A 182 25.44 -5.12 1.43
N ALA A 183 26.37 -4.20 1.14
CA ALA A 183 26.68 -3.13 2.08
C ALA A 183 25.44 -2.30 2.42
N ALA A 184 24.75 -1.82 1.37
CA ALA A 184 23.55 -1.00 1.54
C ALA A 184 22.40 -1.78 2.22
N ILE A 185 22.26 -3.06 1.87
CA ILE A 185 21.23 -3.91 2.44
C ILE A 185 21.43 -4.03 3.95
N HIS A 186 22.68 -4.23 4.38
CA HIS A 186 22.96 -4.34 5.81
C HIS A 186 22.74 -2.97 6.45
N ARG A 187 23.11 -1.92 5.73
CA ARG A 187 22.95 -0.57 6.24
C ARG A 187 21.47 -0.28 6.50
N LEU A 188 20.60 -0.69 5.57
CA LEU A 188 19.18 -0.47 5.74
C LEU A 188 18.69 -1.20 7.00
N VAL A 189 19.07 -2.47 7.13
CA VAL A 189 18.66 -3.25 8.30
C VAL A 189 19.24 -2.63 9.58
N ASP A 190 20.53 -2.34 9.58
CA ASP A 190 21.15 -1.77 10.77
C ASP A 190 20.60 -0.40 11.16
N THR A 191 20.32 0.46 10.19
CA THR A 191 19.80 1.78 10.50
C THR A 191 18.38 1.69 11.06
N SER A 192 17.59 0.78 10.52
CA SER A 192 16.23 0.59 10.98
C SER A 192 16.26 0.08 12.42
N GLU A 193 17.11 -0.92 12.68
CA GLU A 193 17.24 -1.49 14.02
C GLU A 193 17.71 -0.40 14.99
N LYS A 194 18.76 0.31 14.57
CA LYS A 194 19.33 1.40 15.36
C LYS A 194 18.29 2.47 15.71
N LEU A 195 17.66 3.04 14.68
CA LEU A 195 16.66 4.06 14.88
C LEU A 195 15.47 3.60 15.72
N SER A 196 15.11 2.33 15.63
CA SER A 196 13.97 1.82 16.39
C SER A 196 14.20 1.91 17.89
N LYS A 197 15.45 1.73 18.31
CA LYS A 197 15.79 1.79 19.72
C LYS A 197 15.93 3.23 20.19
N LYS A 198 16.26 4.12 19.26
CA LYS A 198 16.41 5.54 19.57
C LYS A 198 15.04 6.22 19.70
N ILE A 199 13.99 5.54 19.25
CA ILE A 199 12.65 6.09 19.30
C ILE A 199 11.91 5.83 20.61
N GLN A 200 11.27 6.88 21.11
CA GLN A 200 10.50 6.82 22.34
C GLN A 200 9.04 6.60 21.97
N PRO A 201 8.54 5.36 22.12
CA PRO A 201 7.14 5.07 21.79
C PRO A 201 6.14 5.79 22.71
N ASP A 202 5.38 6.71 22.14
CA ASP A 202 4.36 7.48 22.88
C ASP A 202 2.99 7.24 22.27
N LEU A 203 2.32 6.18 22.74
CA LEU A 203 1.00 5.80 22.25
C LEU A 203 -0.01 6.93 22.16
N ASP A 204 0.19 7.99 22.94
CA ASP A 204 -0.71 9.12 22.93
C ASP A 204 -0.60 9.92 21.63
N LYS A 205 0.52 9.79 20.93
CA LYS A 205 0.72 10.53 19.68
C LYS A 205 0.42 9.74 18.40
N TYR A 206 -0.20 8.56 18.55
CA TYR A 206 -0.57 7.70 17.42
C TYR A 206 -1.91 8.13 16.81
N VAL A 207 -1.95 8.30 15.49
CA VAL A 207 -3.16 8.68 14.78
C VAL A 207 -3.55 7.60 13.75
N LEU A 208 -4.73 7.75 13.15
CA LEU A 208 -5.17 6.78 12.15
C LEU A 208 -4.29 6.96 10.91
N CYS A 209 -3.58 5.89 10.54
CA CYS A 209 -2.71 5.93 9.37
C CYS A 209 -3.10 4.96 8.27
N HIS A 210 -2.84 5.36 7.03
CA HIS A 210 -3.12 4.53 5.88
C HIS A 210 -2.04 3.44 5.90
N SER A 211 -0.80 3.89 6.12
CA SER A 211 0.38 3.03 6.21
C SER A 211 1.06 2.70 4.88
N ASP A 212 0.35 2.90 3.78
CA ASP A 212 0.91 2.56 2.49
C ASP A 212 0.46 3.55 1.42
N ILE A 213 0.44 4.84 1.77
CA ILE A 213 0.00 5.85 0.82
C ILE A 213 1.07 6.48 -0.06
N HIS A 214 1.53 5.71 -1.05
CA HIS A 214 2.50 6.19 -2.01
C HIS A 214 1.68 6.51 -3.27
N ALA A 215 2.34 6.92 -4.34
CA ALA A 215 1.66 7.29 -5.58
C ALA A 215 0.80 6.18 -6.22
N GLY A 216 1.18 4.92 -6.01
CA GLY A 216 0.41 3.84 -6.60
C GLY A 216 -0.95 3.71 -5.95
N ASN A 217 -1.10 4.26 -4.75
CA ASN A 217 -2.35 4.17 -4.05
C ASN A 217 -3.14 5.46 -4.07
N VAL A 218 -2.91 6.23 -5.13
CA VAL A 218 -3.62 7.47 -5.35
C VAL A 218 -4.07 7.49 -6.80
N LEU A 219 -5.37 7.68 -7.00
CA LEU A 219 -5.93 7.75 -8.34
C LEU A 219 -6.08 9.25 -8.60
N VAL A 220 -5.39 9.72 -9.64
CA VAL A 220 -5.39 11.14 -9.98
C VAL A 220 -6.30 11.48 -11.14
N GLY A 221 -7.53 11.83 -10.82
CA GLY A 221 -8.50 12.19 -11.86
C GLY A 221 -8.30 13.62 -12.33
N ASN A 222 -9.27 14.15 -13.07
CA ASN A 222 -9.19 15.51 -13.61
C ASN A 222 -8.59 16.53 -12.65
N GLU A 223 -9.40 17.07 -11.75
CA GLU A 223 -8.90 18.04 -10.79
C GLU A 223 -9.76 17.99 -9.56
N GLU A 224 -9.13 17.90 -8.40
CA GLU A 224 -9.84 17.81 -7.13
C GLU A 224 -10.52 16.47 -7.03
N SER A 225 -10.50 15.72 -8.13
CA SER A 225 -11.10 14.40 -8.09
C SER A 225 -9.98 13.36 -8.01
N ILE A 226 -9.27 13.36 -6.87
CA ILE A 226 -8.21 12.40 -6.62
C ILE A 226 -8.77 11.45 -5.57
N TYR A 227 -8.23 10.24 -5.47
CA TYR A 227 -8.74 9.25 -4.54
C TYR A 227 -7.66 8.41 -3.86
N ILE A 228 -7.78 8.25 -2.55
CA ILE A 228 -6.82 7.41 -1.84
C ILE A 228 -7.44 6.02 -1.76
N ILE A 229 -6.77 5.05 -2.36
CA ILE A 229 -7.26 3.67 -2.38
C ILE A 229 -6.39 2.75 -1.55
N ASP A 230 -6.68 1.46 -1.65
CA ASP A 230 -5.92 0.43 -0.93
C ASP A 230 -6.02 0.63 0.57
N TRP A 231 -7.22 0.49 1.12
CA TRP A 231 -7.39 0.62 2.57
C TRP A 231 -7.41 -0.76 3.21
N ASP A 232 -6.31 -1.48 3.06
CA ASP A 232 -6.20 -2.82 3.62
C ASP A 232 -5.33 -2.88 4.84
N GLU A 233 -4.44 -1.91 4.98
CA GLU A 233 -3.52 -1.89 6.12
C GLU A 233 -3.68 -0.71 7.07
N PRO A 234 -4.89 -0.15 7.21
CA PRO A 234 -4.94 0.99 8.14
C PRO A 234 -4.43 0.55 9.52
N MET A 235 -3.81 1.49 10.24
CA MET A 235 -3.26 1.18 11.55
C MET A 235 -3.17 2.42 12.43
N LEU A 236 -2.82 2.21 13.69
CA LEU A 236 -2.62 3.30 14.63
C LEU A 236 -1.11 3.40 14.77
N ALA A 237 -0.57 4.59 14.51
CA ALA A 237 0.87 4.79 14.55
C ALA A 237 1.22 6.25 14.40
N PRO A 238 2.50 6.60 14.57
CA PRO A 238 2.90 8.01 14.42
C PRO A 238 2.56 8.49 13.00
N LYS A 239 2.14 9.74 12.89
CA LYS A 239 1.80 10.35 11.60
C LYS A 239 2.94 10.15 10.58
N GLU A 240 4.17 10.01 11.07
CA GLU A 240 5.33 9.81 10.21
C GLU A 240 5.16 8.54 9.35
N ARG A 241 4.35 7.61 9.84
CA ARG A 241 4.06 6.36 9.14
C ARG A 241 3.61 6.71 7.72
N ASP A 242 2.84 7.79 7.59
CA ASP A 242 2.35 8.26 6.28
C ASP A 242 3.15 9.40 5.66
N LEU A 243 3.69 10.28 6.50
CA LEU A 243 4.45 11.42 5.96
C LEU A 243 5.73 10.98 5.30
N MET A 244 6.25 9.81 5.69
CA MET A 244 7.48 9.31 5.09
C MET A 244 7.36 9.19 3.57
N PHE A 245 6.13 9.10 3.05
CA PHE A 245 5.92 8.97 1.61
C PHE A 245 6.09 10.28 0.85
N ILE A 246 5.80 11.41 1.51
CA ILE A 246 5.97 12.69 0.82
C ILE A 246 7.47 12.90 0.63
N GLY A 247 7.92 12.86 -0.62
CA GLY A 247 9.33 13.01 -0.91
C GLY A 247 10.04 11.67 -0.66
N GLY A 248 9.24 10.63 -0.46
CA GLY A 248 9.75 9.30 -0.18
C GLY A 248 10.32 8.55 -1.37
N GLY A 249 9.92 8.96 -2.58
CA GLY A 249 10.43 8.33 -3.79
C GLY A 249 9.90 6.97 -4.22
N VAL A 250 8.81 6.48 -3.62
CA VAL A 250 8.29 5.18 -4.04
C VAL A 250 7.85 5.23 -5.51
N GLY A 251 8.34 4.28 -6.30
CA GLY A 251 7.99 4.24 -7.71
C GLY A 251 8.70 5.28 -8.57
N ASN A 252 9.75 5.90 -8.03
CA ASN A 252 10.52 6.90 -8.76
C ASN A 252 9.78 8.23 -8.99
N VAL A 253 8.75 8.49 -8.18
CA VAL A 253 8.01 9.75 -8.24
C VAL A 253 7.86 10.20 -6.80
N TRP A 254 7.26 11.35 -6.57
CA TRP A 254 7.11 11.86 -5.22
C TRP A 254 8.51 12.03 -4.62
N ASN A 255 9.45 12.33 -5.50
CA ASN A 255 10.83 12.53 -5.10
C ASN A 255 11.34 13.92 -5.51
N LYS A 256 10.43 14.86 -5.70
CA LYS A 256 10.82 16.23 -6.07
C LYS A 256 10.58 17.09 -4.85
N PRO A 257 11.64 17.63 -4.24
CA PRO A 257 11.48 18.47 -3.04
C PRO A 257 10.42 19.59 -3.11
N HIS A 258 10.26 20.25 -4.24
CA HIS A 258 9.29 21.36 -4.29
C HIS A 258 7.83 20.95 -4.15
N GLU A 259 7.53 19.67 -4.34
CA GLU A 259 6.17 19.20 -4.19
C GLU A 259 5.90 18.96 -2.69
N ILE A 260 6.94 18.63 -1.94
CA ILE A 260 6.80 18.40 -0.52
C ILE A 260 6.17 19.63 0.15
N GLN A 261 6.59 20.81 -0.27
CA GLN A 261 6.05 22.05 0.31
C GLN A 261 4.57 22.23 -0.09
N TYR A 262 4.24 21.93 -1.35
CA TYR A 262 2.85 22.04 -1.81
C TYR A 262 1.99 21.21 -0.85
N PHE A 263 2.46 19.99 -0.56
CA PHE A 263 1.77 19.06 0.31
C PHE A 263 1.50 19.63 1.71
N TYR A 264 2.55 20.14 2.36
CA TYR A 264 2.40 20.68 3.69
C TYR A 264 1.52 21.92 3.74
N GLU A 265 1.41 22.58 2.59
CA GLU A 265 0.58 23.76 2.48
C GLU A 265 -0.85 23.37 2.86
N GLY A 266 -1.26 22.17 2.49
CA GLY A 266 -2.59 21.69 2.80
C GLY A 266 -2.64 20.87 4.08
N TYR A 267 -1.55 20.17 4.38
CA TYR A 267 -1.50 19.35 5.60
C TYR A 267 -1.41 20.23 6.83
N GLY A 268 -0.71 21.36 6.67
CA GLY A 268 -0.52 22.28 7.78
C GLY A 268 0.86 22.10 8.36
N GLU A 269 1.80 22.94 7.95
CA GLU A 269 3.17 22.87 8.44
C GLU A 269 3.20 22.68 9.96
N ILE A 270 3.61 21.48 10.40
CA ILE A 270 3.70 21.20 11.83
C ILE A 270 4.99 20.45 12.15
N ASN A 271 5.16 20.06 13.41
CA ASN A 271 6.36 19.36 13.84
C ASN A 271 6.36 17.91 13.40
N VAL A 272 7.35 17.55 12.60
CA VAL A 272 7.49 16.19 12.10
C VAL A 272 8.75 15.57 12.73
N ASP A 273 8.57 14.46 13.44
CA ASP A 273 9.70 13.80 14.07
C ASP A 273 10.59 13.21 12.98
N LYS A 274 11.70 13.88 12.69
CA LYS A 274 12.62 13.43 11.65
C LYS A 274 13.24 12.05 11.91
N THR A 275 13.22 11.60 13.14
CA THR A 275 13.79 10.29 13.48
C THR A 275 12.84 9.15 13.11
N ILE A 276 11.57 9.30 13.45
CA ILE A 276 10.57 8.28 13.13
C ILE A 276 10.38 8.25 11.61
N LEU A 277 10.43 9.44 11.01
CA LEU A 277 10.25 9.57 9.57
C LEU A 277 11.37 8.82 8.86
N SER A 278 12.58 8.83 9.42
CA SER A 278 13.71 8.15 8.82
C SER A 278 13.62 6.65 9.09
N TYR A 279 13.14 6.28 10.28
CA TYR A 279 12.97 4.88 10.63
C TYR A 279 12.12 4.20 9.55
N TYR A 280 10.91 4.73 9.36
CA TYR A 280 9.97 4.18 8.38
C TYR A 280 10.56 4.05 6.97
N ARG A 281 11.20 5.09 6.47
CA ARG A 281 11.80 5.02 5.15
C ARG A 281 12.79 3.85 5.04
N HIS A 282 13.46 3.52 6.14
CA HIS A 282 14.41 2.41 6.13
C HIS A 282 13.68 1.08 6.33
N GLU A 283 12.83 1.03 7.35
CA GLU A 283 12.07 -0.17 7.67
C GLU A 283 11.18 -0.63 6.50
N ARG A 284 10.49 0.31 5.85
CA ARG A 284 9.63 -0.07 4.74
C ARG A 284 10.43 -0.77 3.64
N ILE A 285 11.64 -0.28 3.37
CA ILE A 285 12.49 -0.92 2.36
C ILE A 285 12.96 -2.28 2.87
N VAL A 286 13.18 -2.39 4.18
CA VAL A 286 13.62 -3.65 4.77
C VAL A 286 12.52 -4.68 4.55
N GLU A 287 11.27 -4.25 4.73
CA GLU A 287 10.12 -5.13 4.54
C GLU A 287 10.08 -5.63 3.09
N ASP A 288 10.25 -4.71 2.14
CA ASP A 288 10.22 -5.11 0.75
C ASP A 288 11.35 -6.08 0.44
N ILE A 289 12.53 -5.81 0.99
CA ILE A 289 13.67 -6.71 0.75
C ILE A 289 13.30 -8.11 1.27
N ALA A 290 12.69 -8.16 2.44
CA ALA A 290 12.26 -9.41 3.07
C ALA A 290 11.17 -10.15 2.26
N VAL A 291 10.18 -9.42 1.76
CA VAL A 291 9.14 -10.07 0.99
C VAL A 291 9.65 -10.53 -0.38
N TYR A 292 10.38 -9.68 -1.07
CA TYR A 292 10.92 -10.05 -2.38
C TYR A 292 11.99 -11.12 -2.20
N GLY A 293 12.78 -10.98 -1.14
CA GLY A 293 13.82 -11.95 -0.88
C GLY A 293 13.30 -13.37 -0.68
N GLN A 294 12.26 -13.53 0.12
CA GLN A 294 11.69 -14.85 0.37
C GLN A 294 11.12 -15.47 -0.91
N ASP A 295 10.47 -14.65 -1.71
CA ASP A 295 9.87 -15.12 -2.94
C ASP A 295 10.94 -15.56 -3.92
N LEU A 296 12.02 -14.79 -4.00
CA LEU A 296 13.11 -15.10 -4.92
C LEU A 296 14.03 -16.22 -4.46
N LEU A 297 13.90 -16.66 -3.21
CA LEU A 297 14.75 -17.72 -2.69
C LEU A 297 14.04 -19.06 -2.49
N SER A 298 12.76 -19.04 -2.10
CA SER A 298 12.02 -20.28 -1.88
C SER A 298 12.12 -21.18 -3.10
N ARG A 299 12.32 -20.57 -4.26
CA ARG A 299 12.43 -21.33 -5.48
C ARG A 299 11.07 -21.75 -6.00
N ASN A 300 10.14 -21.99 -5.06
CA ASN A 300 8.79 -22.40 -5.40
C ASN A 300 8.41 -22.24 -6.86
N GLN A 301 7.98 -23.34 -7.48
CA GLN A 301 7.61 -23.31 -8.89
C GLN A 301 6.45 -22.37 -9.18
N ASN A 302 5.40 -22.47 -8.38
CA ASN A 302 4.23 -21.63 -8.56
C ASN A 302 4.49 -20.14 -8.38
N ASN A 303 5.76 -19.77 -8.31
CA ASN A 303 6.12 -18.38 -8.14
C ASN A 303 6.14 -17.63 -9.46
N GLN A 304 4.95 -17.20 -9.90
CA GLN A 304 4.85 -16.45 -11.14
C GLN A 304 5.20 -15.02 -10.78
N SER A 305 5.42 -14.81 -9.47
CA SER A 305 5.76 -13.52 -8.91
C SER A 305 7.26 -13.19 -8.89
N ARG A 306 8.11 -14.21 -8.89
CA ARG A 306 9.56 -14.02 -8.85
C ARG A 306 10.04 -12.97 -9.83
N LEU A 307 9.50 -13.00 -11.04
CA LEU A 307 9.89 -12.04 -12.05
C LEU A 307 9.67 -10.63 -11.51
N GLU A 308 8.44 -10.35 -11.07
CA GLU A 308 8.11 -9.03 -10.52
C GLU A 308 8.93 -8.71 -9.27
N SER A 309 8.97 -9.66 -8.33
CA SER A 309 9.74 -9.46 -7.11
C SER A 309 11.16 -9.00 -7.41
N PHE A 310 11.83 -9.64 -8.37
CA PHE A 310 13.20 -9.25 -8.71
C PHE A 310 13.26 -7.85 -9.31
N LYS A 311 12.38 -7.58 -10.27
CA LYS A 311 12.33 -6.27 -10.91
C LYS A 311 12.15 -5.17 -9.86
N TYR A 312 11.18 -5.36 -8.97
CA TYR A 312 10.88 -4.39 -7.92
C TYR A 312 12.02 -4.28 -6.92
N PHE A 313 12.62 -5.41 -6.59
CA PHE A 313 13.73 -5.43 -5.67
C PHE A 313 14.84 -4.49 -6.18
N LYS A 314 15.32 -4.73 -7.40
CA LYS A 314 16.37 -3.89 -7.97
C LYS A 314 15.95 -2.44 -8.15
N GLU A 315 14.68 -2.25 -8.52
CA GLU A 315 14.11 -0.92 -8.75
C GLU A 315 14.38 0.00 -7.55
N MET A 316 14.37 -0.58 -6.36
CA MET A 316 14.61 0.20 -5.15
C MET A 316 15.98 0.88 -5.04
N PHE A 317 16.99 0.32 -5.70
CA PHE A 317 18.35 0.86 -5.63
C PHE A 317 18.71 1.82 -6.74
N ASP A 318 17.74 2.20 -7.57
CA ASP A 318 18.01 3.11 -8.66
C ASP A 318 18.23 4.54 -8.21
N PRO A 319 18.79 5.38 -9.09
CA PRO A 319 19.06 6.78 -8.76
C PRO A 319 17.80 7.47 -8.27
N ASN A 320 17.92 8.19 -7.15
CA ASN A 320 16.80 8.93 -6.57
C ASN A 320 15.58 8.07 -6.17
N ASN A 321 15.75 6.76 -6.03
CA ASN A 321 14.64 5.90 -5.61
C ASN A 321 14.68 5.78 -4.07
N VAL A 322 13.81 4.96 -3.51
CA VAL A 322 13.71 4.83 -2.06
C VAL A 322 14.96 4.60 -1.22
N VAL A 323 15.92 3.81 -1.70
CA VAL A 323 17.15 3.58 -0.94
C VAL A 323 18.02 4.84 -0.85
N GLU A 324 18.31 5.48 -1.98
CA GLU A 324 19.12 6.69 -1.94
C GLU A 324 18.46 7.82 -1.16
N ILE A 325 17.12 7.84 -1.15
CA ILE A 325 16.43 8.89 -0.41
C ILE A 325 16.44 8.64 1.10
N ALA A 326 16.42 7.37 1.49
CA ALA A 326 16.45 7.00 2.90
C ALA A 326 17.84 7.29 3.44
N PHE A 327 18.84 6.98 2.63
CA PHE A 327 20.24 7.21 3.01
C PHE A 327 20.55 8.70 3.06
N ALA A 328 19.85 9.49 2.26
CA ALA A 328 20.05 10.94 2.24
C ALA A 328 19.33 11.61 3.40
N THR A 329 19.83 11.36 4.60
CA THR A 329 19.28 11.92 5.83
C THR A 329 18.99 13.42 5.74
N GLU A 330 19.81 14.13 4.97
CA GLU A 330 19.64 15.57 4.79
C GLU A 330 18.34 15.94 4.08
N GLN A 331 17.50 14.95 3.79
CA GLN A 331 16.22 15.17 3.12
C GLN A 331 15.04 15.10 4.10
N LEU A 332 15.28 14.58 5.29
CA LEU A 332 14.23 14.46 6.30
C LEU A 332 13.82 15.82 6.82
#